data_7QT4
#
_entry.id   7QT4
#
_cell.length_a   75.190
_cell.length_b   138.690
_cell.length_c   101.070
_cell.angle_alpha   90.000
_cell.angle_beta   90.000
_cell.angle_gamma   90.000
#
_symmetry.space_group_name_H-M   'C 2 2 21'
#
loop_
_entity.id
_entity.type
_entity.pdbx_description
1 polymer 'Antibody heavy chain'
2 polymer 'Antibody light chain'
3 non-polymer '2-[2-[2-[2-[[5-oxidanylidene-5-[2-[4-[phenyl(propanoyl)amino]piperidin-1-yl]ethylamino]pentanoyl]amino]ethanoylamino]ethanoylamino]ethanoylamino]ethanoic acid'
4 water water
#
loop_
_entity_poly.entity_id
_entity_poly.type
_entity_poly.pdbx_seq_one_letter_code
_entity_poly.pdbx_strand_id
1 'polypeptide(L)'
;QVQLQQPGAELVKPGASVTVSCKSSGYTFTSYWVHWVKQRPGQGLEWIGRIHPSDSDTNYNQKFKGKATLTVDKSSTTAY
IHLSSLTSEDSAVYYCAIEAITTVITTDYWGQGTTLTVSSAKTTPPSVYPLAPGSAAQTNSMVTLGCLVKGYFPEPVTVT
WNSGSLSSGVHTFPAVLQSDLYTLSSSVTVPSSTWPSETVTCNVAHPASSTKVDKKIVPRGPTIK
;
A
2 'polypeptide(L)'
;DIVMTQSQKFMSTSVGDRVSVTCKASQNVGTNVAWYQQKPGQSPKALIYSASYRYSGVPDRFTGSGSGTDFTLTISNVQS
EDLAEFFCQQYNNFPYTFGGGTQLEMKRADAAPTVSIFPPSSEQLTSGGASVVCFLNNFYPKDINVKWKIDGSERQNGVL
NSWTDQDSKDSTYSMSSTLTLTKDEYERHNSYTCEATHKTSTSPIVKSFNRNEC
;
B
#
loop_
_chem_comp.id
_chem_comp.type
_chem_comp.name
_chem_comp.formula
FD0 non-polymer '2-[2-[2-[2-[[5-oxidanylidene-5-[2-[4-[phenyl(propanoyl)amino]piperidin-1-yl]ethylamino]pentanoyl]amino]ethanoylamino]ethanoylamino]ethanoylamino]ethanoic acid' 'C29 H43 N7 O8'
#
# COMPACT_ATOMS: atom_id res chain seq x y z
N VAL A 2 16.69 -16.27 -3.53
CA VAL A 2 15.42 -16.64 -4.14
C VAL A 2 14.61 -15.40 -4.47
N GLN A 3 14.03 -15.37 -5.67
CA GLN A 3 13.24 -14.25 -6.12
C GLN A 3 12.06 -14.75 -6.96
N LEU A 4 10.89 -14.20 -6.70
CA LEU A 4 9.69 -14.42 -7.51
C LEU A 4 9.37 -13.11 -8.22
N GLN A 5 9.43 -13.10 -9.54
CA GLN A 5 9.27 -11.89 -10.33
C GLN A 5 7.88 -11.86 -10.95
N GLN A 6 7.10 -10.86 -10.56
CA GLN A 6 5.75 -10.66 -11.08
C GLN A 6 5.66 -9.32 -11.80
N PRO A 7 4.92 -9.24 -12.91
CA PRO A 7 4.67 -7.94 -13.53
C PRO A 7 3.91 -7.03 -12.57
N GLY A 8 4.20 -5.74 -12.64
CA GLY A 8 3.66 -4.81 -11.67
C GLY A 8 2.16 -4.61 -11.81
N ALA A 9 1.66 -4.51 -13.04
CA ALA A 9 0.27 -4.14 -13.26
C ALA A 9 -0.25 -4.77 -14.55
N GLU A 10 -1.57 -4.94 -14.60
CA GLU A 10 -2.26 -5.41 -15.80
C GLU A 10 -3.61 -4.73 -15.86
N LEU A 11 -3.97 -4.22 -17.04
CA LEU A 11 -5.25 -3.58 -17.27
C LEU A 11 -5.98 -4.32 -18.38
N VAL A 12 -7.12 -4.93 -18.03
CA VAL A 12 -7.88 -5.76 -18.96
C VAL A 12 -9.31 -5.24 -19.01
N LYS A 13 -9.95 -5.41 -20.17
CA LYS A 13 -11.34 -5.01 -20.32
C LYS A 13 -12.27 -6.09 -19.76
N PRO A 14 -13.47 -5.71 -19.35
CA PRO A 14 -14.42 -6.71 -18.84
C PRO A 14 -14.73 -7.78 -19.89
N GLY A 15 -14.87 -9.02 -19.42
CA GLY A 15 -15.18 -10.14 -20.29
C GLY A 15 -14.00 -10.79 -20.96
N ALA A 16 -12.82 -10.18 -20.90
CA ALA A 16 -11.63 -10.75 -21.52
C ALA A 16 -10.92 -11.66 -20.50
N SER A 17 -9.72 -12.13 -20.86
CA SER A 17 -8.93 -13.00 -20.01
C SER A 17 -7.50 -12.45 -19.94
N VAL A 18 -6.74 -12.96 -18.97
CA VAL A 18 -5.37 -12.49 -18.75
C VAL A 18 -4.57 -13.61 -18.10
N THR A 19 -3.26 -13.59 -18.33
CA THR A 19 -2.33 -14.54 -17.75
C THR A 19 -1.24 -13.78 -17.01
N VAL A 20 -1.09 -14.04 -15.72
CA VAL A 20 -0.07 -13.40 -14.89
C VAL A 20 1.05 -14.40 -14.65
N SER A 21 2.28 -13.97 -14.87
CA SER A 21 3.44 -14.84 -14.73
C SER A 21 4.11 -14.62 -13.37
N CYS A 22 4.75 -15.69 -12.88
CA CYS A 22 5.54 -15.65 -11.66
C CYS A 22 6.88 -16.32 -11.96
N LYS A 23 7.87 -15.52 -12.31
CA LYS A 23 9.17 -16.01 -12.75
C LYS A 23 10.09 -16.18 -11.55
N SER A 24 10.48 -17.41 -11.27
CA SER A 24 11.27 -17.74 -10.09
C SER A 24 12.74 -17.92 -10.46
N SER A 25 13.60 -17.70 -9.47
CA SER A 25 15.04 -17.88 -9.65
C SER A 25 15.68 -18.07 -8.28
N GLY A 26 16.86 -18.70 -8.29
CA GLY A 26 17.66 -18.87 -7.10
C GLY A 26 17.48 -20.18 -6.36
N TYR A 27 16.69 -21.11 -6.89
CA TYR A 27 16.44 -22.38 -6.24
C TYR A 27 15.91 -23.37 -7.26
N THR A 28 15.78 -24.63 -6.83
CA THR A 28 15.26 -25.68 -7.69
C THR A 28 13.76 -25.49 -7.86
N PHE A 29 13.34 -25.10 -9.06
CA PHE A 29 11.95 -24.73 -9.30
C PHE A 29 10.99 -25.87 -8.96
N THR A 30 11.40 -27.11 -9.21
CA THR A 30 10.52 -28.26 -9.07
C THR A 30 10.52 -28.84 -7.65
N SER A 31 10.94 -28.05 -6.66
CA SER A 31 11.02 -28.53 -5.29
C SER A 31 9.83 -28.15 -4.43
N TYR A 32 9.20 -27.00 -4.69
CA TYR A 32 8.24 -26.44 -3.75
C TYR A 32 6.93 -26.08 -4.44
N TRP A 33 5.83 -26.30 -3.72
CA TRP A 33 4.52 -25.81 -4.16
C TRP A 33 4.57 -24.31 -4.39
N VAL A 34 3.85 -23.85 -5.40
CA VAL A 34 3.65 -22.42 -5.65
C VAL A 34 2.22 -22.08 -5.31
N HIS A 35 2.03 -21.17 -4.35
CA HIS A 35 0.71 -20.75 -3.92
C HIS A 35 0.37 -19.38 -4.52
N TRP A 36 -0.93 -19.13 -4.66
CA TRP A 36 -1.43 -17.88 -5.21
C TRP A 36 -2.47 -17.28 -4.26
N VAL A 37 -2.35 -15.98 -4.02
CA VAL A 37 -3.19 -15.28 -3.05
C VAL A 37 -3.76 -14.03 -3.71
N LYS A 38 -5.04 -13.76 -3.47
CA LYS A 38 -5.73 -12.57 -3.97
C LYS A 38 -6.02 -11.62 -2.83
N GLN A 39 -5.82 -10.31 -3.07
CA GLN A 39 -6.02 -9.31 -2.04
C GLN A 39 -6.74 -8.10 -2.63
N ARG A 40 -7.87 -7.75 -2.04
CA ARG A 40 -8.60 -6.52 -2.31
C ARG A 40 -8.85 -5.80 -0.99
N PRO A 41 -8.98 -4.48 -1.01
CA PRO A 41 -9.30 -3.74 0.22
C PRO A 41 -10.64 -4.18 0.78
N GLY A 42 -10.70 -4.30 2.11
CA GLY A 42 -11.90 -4.73 2.79
C GLY A 42 -12.18 -6.21 2.76
N GLN A 43 -11.44 -6.99 1.96
CA GLN A 43 -11.64 -8.43 1.88
C GLN A 43 -10.46 -9.23 2.39
N GLY A 44 -9.38 -8.58 2.82
CA GLY A 44 -8.26 -9.30 3.38
C GLY A 44 -7.53 -10.15 2.35
N LEU A 45 -7.14 -11.34 2.76
CA LEU A 45 -6.40 -12.27 1.90
C LEU A 45 -7.27 -13.48 1.58
N GLU A 46 -7.22 -13.91 0.32
CA GLU A 46 -7.92 -15.11 -0.14
C GLU A 46 -6.92 -16.07 -0.75
N TRP A 47 -7.04 -17.35 -0.40
CA TRP A 47 -6.21 -18.39 -0.98
C TRP A 47 -6.89 -18.89 -2.25
N ILE A 48 -6.19 -18.77 -3.38
CA ILE A 48 -6.73 -19.22 -4.66
C ILE A 48 -6.46 -20.69 -4.91
N GLY A 49 -5.23 -21.12 -4.66
CA GLY A 49 -4.85 -22.50 -4.88
C GLY A 49 -3.34 -22.65 -4.87
N ARG A 50 -2.91 -23.87 -5.19
CA ARG A 50 -1.49 -24.19 -5.23
C ARG A 50 -1.23 -25.15 -6.38
N ILE A 51 0.01 -25.14 -6.86
CA ILE A 51 0.44 -26.03 -7.93
C ILE A 51 1.85 -26.51 -7.62
N HIS A 52 2.10 -27.80 -7.87
CA HIS A 52 3.44 -28.34 -7.69
C HIS A 52 4.10 -28.43 -9.06
N PRO A 53 5.18 -27.69 -9.32
CA PRO A 53 5.74 -27.65 -10.67
C PRO A 53 6.28 -28.98 -11.17
N SER A 54 6.55 -29.93 -10.27
CA SER A 54 7.14 -31.20 -10.70
C SER A 54 6.17 -31.98 -11.59
N ASP A 55 4.88 -32.00 -11.25
CA ASP A 55 3.90 -32.75 -12.02
C ASP A 55 2.63 -31.96 -12.29
N SER A 56 2.60 -30.66 -11.95
CA SER A 56 1.43 -29.80 -12.15
C SER A 56 0.22 -30.27 -11.35
N ASP A 57 0.43 -31.01 -10.26
CA ASP A 57 -0.65 -31.31 -9.34
C ASP A 57 -1.18 -30.03 -8.73
N THR A 58 -2.51 -29.91 -8.65
CA THR A 58 -3.15 -28.68 -8.23
C THR A 58 -4.22 -28.96 -7.18
N ASN A 59 -4.36 -28.00 -6.25
CA ASN A 59 -5.51 -27.93 -5.35
C ASN A 59 -6.10 -26.54 -5.49
N TYR A 60 -7.37 -26.46 -5.83
CA TYR A 60 -8.04 -25.20 -6.09
C TYR A 60 -9.00 -24.85 -4.96
N ASN A 61 -9.07 -23.57 -4.64
CA ASN A 61 -10.21 -23.05 -3.88
C ASN A 61 -11.43 -23.10 -4.78
N GLN A 62 -12.45 -23.86 -4.36
CA GLN A 62 -13.63 -24.06 -5.20
C GLN A 62 -14.27 -22.74 -5.62
N LYS A 63 -14.09 -21.68 -4.83
CA LYS A 63 -14.60 -20.37 -5.21
C LYS A 63 -13.98 -19.89 -6.52
N PHE A 64 -12.75 -20.32 -6.81
CA PHE A 64 -12.04 -19.89 -8.02
C PHE A 64 -11.93 -20.99 -9.06
N LYS A 65 -12.78 -22.01 -8.99
CA LYS A 65 -12.66 -23.16 -9.88
C LYS A 65 -12.82 -22.74 -11.34
N GLY A 66 -13.94 -22.10 -11.66
CA GLY A 66 -14.18 -21.68 -13.03
C GLY A 66 -13.45 -20.44 -13.47
N LYS A 67 -12.75 -19.76 -12.55
CA LYS A 67 -12.10 -18.49 -12.84
C LYS A 67 -10.60 -18.62 -13.05
N ALA A 68 -9.90 -19.33 -12.17
CA ALA A 68 -8.45 -19.38 -12.17
C ALA A 68 -7.95 -20.73 -12.66
N THR A 69 -6.88 -20.71 -13.46
CA THR A 69 -6.22 -21.91 -13.93
C THR A 69 -4.72 -21.76 -13.68
N LEU A 70 -4.13 -22.73 -12.98
CA LEU A 70 -2.72 -22.71 -12.62
C LEU A 70 -1.93 -23.58 -13.58
N THR A 71 -0.83 -23.05 -14.11
CA THR A 71 0.09 -23.78 -14.95
C THR A 71 1.52 -23.44 -14.55
N VAL A 72 2.46 -24.22 -15.07
CA VAL A 72 3.89 -23.94 -14.91
C VAL A 72 4.61 -24.21 -16.22
N ASP A 73 5.80 -23.64 -16.33
CA ASP A 73 6.74 -23.97 -17.41
C ASP A 73 8.05 -24.30 -16.70
N LYS A 74 8.37 -25.59 -16.63
CA LYS A 74 9.53 -26.05 -15.86
C LYS A 74 10.83 -25.49 -16.41
N SER A 75 10.98 -25.52 -17.74
CA SER A 75 12.24 -25.09 -18.34
C SER A 75 12.52 -23.61 -18.10
N SER A 76 11.48 -22.78 -18.04
CA SER A 76 11.63 -21.36 -17.76
C SER A 76 11.38 -21.03 -16.29
N THR A 77 11.19 -22.04 -15.44
CA THR A 77 11.02 -21.87 -14.00
C THR A 77 9.99 -20.80 -13.66
N THR A 78 8.89 -20.78 -14.40
CA THR A 78 7.86 -19.77 -14.25
C THR A 78 6.52 -20.44 -14.00
N ALA A 79 5.76 -19.90 -13.05
CA ALA A 79 4.39 -20.30 -12.81
C ALA A 79 3.44 -19.23 -13.36
N TYR A 80 2.25 -19.67 -13.74
CA TYR A 80 1.26 -18.78 -14.34
C TYR A 80 -0.09 -18.99 -13.66
N ILE A 81 -0.89 -17.92 -13.65
CA ILE A 81 -2.31 -18.00 -13.31
C ILE A 81 -3.09 -17.36 -14.44
N HIS A 82 -4.10 -18.05 -14.93
CA HIS A 82 -4.97 -17.55 -15.98
C HIS A 82 -6.34 -17.27 -15.39
N LEU A 83 -6.88 -16.09 -15.67
CA LEU A 83 -8.19 -15.67 -15.18
C LEU A 83 -9.11 -15.43 -16.37
N SER A 84 -10.24 -16.12 -16.35
CA SER A 84 -11.21 -16.06 -17.48
C SER A 84 -12.41 -15.17 -17.15
N SER A 85 -13.19 -14.79 -18.18
CA SER A 85 -14.46 -14.02 -18.01
C SER A 85 -14.29 -12.93 -16.95
N LEU A 86 -13.40 -11.99 -17.20
CA LEU A 86 -13.04 -11.03 -16.13
C LEU A 86 -14.10 -9.96 -15.86
N THR A 87 -14.36 -9.70 -14.59
CA THR A 87 -15.23 -8.62 -14.18
C THR A 87 -14.46 -7.75 -13.19
N SER A 88 -15.08 -6.64 -12.77
CA SER A 88 -14.45 -5.77 -11.78
C SER A 88 -14.23 -6.50 -10.45
N GLU A 89 -14.96 -7.60 -10.22
CA GLU A 89 -14.74 -8.40 -9.03
C GLU A 89 -13.32 -8.97 -8.99
N ASP A 90 -12.70 -9.16 -10.15
CA ASP A 90 -11.36 -9.71 -10.22
C ASP A 90 -10.27 -8.66 -10.07
N SER A 91 -10.62 -7.37 -9.99
CA SER A 91 -9.64 -6.33 -9.73
C SER A 91 -9.06 -6.52 -8.34
N ALA A 92 -7.76 -6.77 -8.27
CA ALA A 92 -7.09 -7.08 -7.00
C ALA A 92 -5.60 -7.15 -7.26
N VAL A 93 -4.85 -7.40 -6.18
CA VAL A 93 -3.44 -7.73 -6.25
C VAL A 93 -3.30 -9.24 -6.14
N TYR A 94 -2.53 -9.84 -7.03
CA TYR A 94 -2.32 -11.29 -7.06
C TYR A 94 -0.88 -11.60 -6.72
N TYR A 95 -0.66 -12.32 -5.63
CA TYR A 95 0.68 -12.72 -5.21
C TYR A 95 0.93 -14.18 -5.54
N CYS A 96 2.17 -14.49 -5.90
CA CYS A 96 2.66 -15.86 -5.90
C CYS A 96 3.65 -16.01 -4.76
N ALA A 97 3.69 -17.21 -4.17
CA ALA A 97 4.53 -17.43 -3.00
C ALA A 97 4.92 -18.89 -2.91
N ILE A 98 6.13 -19.13 -2.40
CA ILE A 98 6.65 -20.47 -2.17
C ILE A 98 7.20 -20.55 -0.75
N GLU A 99 7.36 -21.77 -0.27
CA GLU A 99 7.94 -22.04 1.03
C GLU A 99 9.15 -22.93 0.84
N ALA A 100 10.33 -22.42 1.20
CA ALA A 100 11.57 -23.16 1.06
C ALA A 100 12.02 -23.69 2.41
N ILE A 101 12.45 -24.95 2.43
CA ILE A 101 12.92 -25.62 3.64
C ILE A 101 14.30 -26.18 3.36
N THR A 102 15.28 -25.76 4.16
CA THR A 102 16.65 -26.25 4.02
C THR A 102 17.22 -26.69 5.36
N ILE A 105 15.30 -24.91 9.04
CA ILE A 105 15.14 -23.51 8.55
C ILE A 105 14.03 -23.43 7.51
N THR A 106 12.93 -22.77 7.84
CA THR A 106 11.85 -22.55 6.86
C THR A 106 11.78 -21.06 6.51
N THR A 107 11.77 -20.74 5.21
CA THR A 107 11.72 -19.36 4.75
C THR A 107 10.69 -19.23 3.64
N ASP A 108 9.95 -18.12 3.66
CA ASP A 108 8.95 -17.84 2.63
C ASP A 108 9.47 -16.77 1.68
N TYR A 109 9.03 -16.87 0.43
CA TYR A 109 9.39 -15.91 -0.61
C TYR A 109 8.14 -15.53 -1.38
N TRP A 110 7.96 -14.23 -1.59
CA TRP A 110 6.75 -13.71 -2.24
C TRP A 110 7.14 -12.83 -3.42
N GLY A 111 6.27 -12.80 -4.42
CA GLY A 111 6.38 -11.81 -5.46
C GLY A 111 5.87 -10.46 -5.00
N GLN A 112 6.17 -9.44 -5.79
CA GLN A 112 5.72 -8.09 -5.47
C GLN A 112 4.20 -7.96 -5.56
N GLY A 113 3.53 -8.89 -6.23
CA GLY A 113 2.10 -8.78 -6.46
C GLY A 113 1.80 -8.01 -7.73
N THR A 114 0.87 -8.54 -8.53
CA THR A 114 0.42 -7.88 -9.75
C THR A 114 -0.92 -7.20 -9.48
N THR A 115 -0.96 -5.89 -9.69
CA THR A 115 -2.18 -5.11 -9.51
C THR A 115 -3.00 -5.21 -10.78
N LEU A 116 -4.02 -6.06 -10.78
CA LEU A 116 -4.89 -6.26 -11.92
C LEU A 116 -6.10 -5.33 -11.82
N THR A 117 -6.33 -4.56 -12.88
CA THR A 117 -7.47 -3.67 -12.96
C THR A 117 -8.35 -4.10 -14.13
N VAL A 118 -9.60 -4.45 -13.84
CA VAL A 118 -10.58 -4.81 -14.86
C VAL A 118 -11.50 -3.62 -15.05
N SER A 119 -11.35 -2.91 -16.15
CA SER A 119 -12.12 -1.70 -16.42
C SER A 119 -12.20 -1.48 -17.92
N SER A 120 -13.23 -0.74 -18.34
CA SER A 120 -13.38 -0.35 -19.73
C SER A 120 -12.68 0.95 -20.06
N ALA A 121 -12.07 1.59 -19.07
CA ALA A 121 -11.35 2.85 -19.30
C ALA A 121 -9.99 2.58 -19.94
N LYS A 122 -9.53 3.52 -20.75
CA LYS A 122 -8.23 3.37 -21.45
C LYS A 122 -7.10 3.83 -20.55
N THR A 123 -5.91 3.32 -20.79
CA THR A 123 -4.74 3.78 -20.02
C THR A 123 -4.50 5.27 -20.24
N THR A 124 -4.16 5.99 -19.18
CA THR A 124 -3.83 7.41 -19.22
C THR A 124 -2.55 7.67 -18.43
N PRO A 125 -1.51 8.19 -19.07
CA PRO A 125 -0.24 8.42 -18.37
C PRO A 125 -0.37 9.54 -17.37
N PRO A 126 0.50 9.57 -16.34
CA PRO A 126 0.41 10.63 -15.33
C PRO A 126 1.11 11.92 -15.73
N SER A 127 0.44 13.05 -15.54
CA SER A 127 1.10 14.34 -15.67
C SER A 127 1.83 14.65 -14.36
N VAL A 128 3.14 14.91 -14.46
CA VAL A 128 3.98 15.12 -13.29
C VAL A 128 4.31 16.60 -13.19
N TYR A 129 4.12 17.17 -12.01
CA TYR A 129 4.34 18.58 -11.77
C TYR A 129 5.25 18.76 -10.55
N PRO A 130 6.31 19.56 -10.66
CA PRO A 130 7.16 19.79 -9.50
C PRO A 130 6.53 20.78 -8.53
N LEU A 131 6.73 20.54 -7.24
CA LEU A 131 6.20 21.39 -6.18
C LEU A 131 7.36 22.02 -5.43
N ALA A 132 7.57 23.32 -5.64
CA ALA A 132 8.61 24.07 -4.97
C ALA A 132 8.01 25.23 -4.20
N PRO A 133 8.61 25.62 -3.06
CA PRO A 133 8.14 26.76 -2.26
C PRO A 133 8.07 28.06 -3.07
N VAL A 143 14.06 22.05 4.24
CA VAL A 143 13.11 22.46 3.21
C VAL A 143 12.30 21.26 2.72
N THR A 144 10.98 21.44 2.65
CA THR A 144 10.08 20.39 2.20
C THR A 144 9.74 20.63 0.73
N LEU A 145 10.00 19.63 -0.10
CA LEU A 145 9.66 19.68 -1.52
C LEU A 145 8.59 18.64 -1.83
N GLY A 146 7.98 18.76 -3.01
CA GLY A 146 6.87 17.90 -3.35
C GLY A 146 6.85 17.54 -4.82
N CYS A 147 5.99 16.57 -5.14
CA CYS A 147 5.77 16.10 -6.51
C CYS A 147 4.31 15.75 -6.65
N LEU A 148 3.64 16.35 -7.64
CA LEU A 148 2.20 16.15 -7.85
C LEU A 148 2.01 15.28 -9.09
N VAL A 149 1.37 14.13 -8.89
CA VAL A 149 1.13 13.15 -9.95
C VAL A 149 -0.37 13.09 -10.16
N LYS A 150 -0.84 13.67 -11.27
CA LYS A 150 -2.26 13.93 -11.47
C LYS A 150 -2.76 13.30 -12.76
N GLY A 151 -3.95 12.71 -12.70
CA GLY A 151 -4.68 12.33 -13.90
C GLY A 151 -4.23 11.05 -14.56
N TYR A 152 -3.82 10.05 -13.80
CA TYR A 152 -3.38 8.79 -14.37
C TYR A 152 -4.41 7.69 -14.11
N PHE A 153 -4.36 6.67 -14.98
CA PHE A 153 -5.20 5.49 -14.85
C PHE A 153 -4.55 4.37 -15.63
N PRO A 154 -4.50 3.15 -15.10
CA PRO A 154 -4.99 2.83 -13.77
C PRO A 154 -3.88 2.83 -12.72
N GLU A 155 -4.21 2.36 -11.52
CA GLU A 155 -3.20 2.14 -10.50
C GLU A 155 -2.30 0.98 -10.90
N PRO A 156 -1.06 0.94 -10.36
CA PRO A 156 -0.45 1.94 -9.49
C PRO A 156 0.57 2.81 -10.21
N VAL A 157 1.24 3.68 -9.44
CA VAL A 157 2.43 4.38 -9.89
C VAL A 157 3.47 4.27 -8.79
N THR A 158 4.74 4.19 -9.19
CA THR A 158 5.85 4.10 -8.27
C THR A 158 6.65 5.39 -8.36
N VAL A 159 6.70 6.14 -7.26
CA VAL A 159 7.48 7.37 -7.19
C VAL A 159 8.65 7.15 -6.25
N THR A 160 9.80 7.70 -6.62
CA THR A 160 11.01 7.62 -5.83
C THR A 160 11.75 8.94 -5.90
N TRP A 161 12.43 9.29 -4.81
CA TRP A 161 13.17 10.54 -4.71
C TRP A 161 14.64 10.25 -4.98
N ASN A 162 15.09 10.56 -6.19
CA ASN A 162 16.45 10.29 -6.65
C ASN A 162 16.81 8.81 -6.50
N SER A 165 19.11 7.44 -4.08
CA SER A 165 17.67 7.67 -3.81
C SER A 165 17.50 8.24 -2.41
N LEU A 166 16.39 8.94 -2.17
CA LEU A 166 16.10 9.47 -0.82
C LEU A 166 14.98 8.61 -0.23
N SER A 167 15.00 8.36 1.08
CA SER A 167 14.00 7.45 1.70
C SER A 167 13.44 8.09 2.95
N SER A 168 14.31 8.53 3.86
CA SER A 168 13.80 9.24 5.06
C SER A 168 13.08 10.51 4.60
N GLY A 169 12.21 11.05 5.46
CA GLY A 169 11.46 12.27 5.13
C GLY A 169 10.74 12.12 3.81
N VAL A 170 10.16 10.96 3.57
CA VAL A 170 9.34 10.81 2.32
C VAL A 170 7.92 10.40 2.69
N HIS A 171 6.96 11.16 2.20
CA HIS A 171 5.55 10.85 2.42
C HIS A 171 4.86 10.76 1.07
N THR A 172 4.63 9.53 0.61
CA THR A 172 3.85 9.27 -0.61
C THR A 172 2.43 8.94 -0.20
N PHE A 173 1.50 9.81 -0.53
CA PHE A 173 0.13 9.68 -0.12
C PHE A 173 -0.65 8.79 -1.08
N PRO A 174 -1.66 8.07 -0.58
CA PRO A 174 -2.44 7.20 -1.46
C PRO A 174 -3.22 8.00 -2.49
N ALA A 175 -3.44 7.38 -3.65
CA ALA A 175 -4.17 8.03 -4.73
C ALA A 175 -5.63 8.22 -4.36
N VAL A 176 -6.26 9.21 -5.00
CA VAL A 176 -7.67 9.49 -4.83
C VAL A 176 -8.31 9.56 -6.22
N LEU A 177 -9.45 8.93 -6.40
CA LEU A 177 -10.10 8.89 -7.72
C LEU A 177 -10.94 10.15 -7.91
N GLN A 178 -10.52 11.00 -8.85
CA GLN A 178 -11.25 12.26 -9.13
C GLN A 178 -11.61 12.31 -10.60
N SER A 179 -12.90 12.34 -10.91
CA SER A 179 -13.34 12.32 -12.33
C SER A 179 -12.69 11.15 -13.06
N ASP A 180 -12.74 9.96 -12.49
CA ASP A 180 -12.33 8.73 -13.17
C ASP A 180 -10.83 8.65 -13.43
N LEU A 181 -10.05 9.61 -12.91
CA LEU A 181 -8.60 9.51 -12.92
C LEU A 181 -8.08 9.48 -11.49
N TYR A 182 -6.83 9.05 -11.34
CA TYR A 182 -6.18 8.99 -10.04
C TYR A 182 -5.19 10.14 -9.90
N THR A 183 -5.08 10.66 -8.67
CA THR A 183 -4.17 11.75 -8.38
C THR A 183 -3.57 11.52 -6.99
N LEU A 184 -2.24 11.59 -6.91
CA LEU A 184 -1.55 11.49 -5.63
C LEU A 184 -0.40 12.48 -5.61
N SER A 185 0.11 12.73 -4.41
CA SER A 185 1.23 13.62 -4.20
C SER A 185 2.27 12.94 -3.32
N SER A 186 3.52 13.38 -3.47
CA SER A 186 4.62 12.92 -2.65
C SER A 186 5.40 14.11 -2.14
N SER A 187 5.79 14.06 -0.86
CA SER A 187 6.53 15.14 -0.22
C SER A 187 7.86 14.60 0.29
N VAL A 188 8.93 15.31 -0.10
CA VAL A 188 10.30 14.95 0.37
C VAL A 188 10.79 16.11 1.24
N THR A 189 11.22 15.80 2.45
CA THR A 189 11.72 16.82 3.38
C THR A 189 13.24 16.66 3.55
N VAL A 190 14.04 17.38 2.75
CA VAL A 190 15.52 17.37 2.92
C VAL A 190 15.98 18.81 3.16
N SER A 192 17.77 22.43 5.25
CA SER A 192 17.66 23.74 4.61
C SER A 192 18.79 24.00 3.63
N SER A 193 19.96 23.41 3.85
CA SER A 193 21.09 23.67 2.98
C SER A 193 21.11 22.75 1.76
N THR A 194 20.53 21.55 1.89
CA THR A 194 20.66 20.54 0.85
C THR A 194 20.13 21.03 -0.49
N TRP A 195 19.04 21.79 -0.48
CA TRP A 195 18.40 22.24 -1.70
C TRP A 195 18.42 23.76 -1.76
N PRO A 196 18.88 24.36 -2.87
CA PRO A 196 19.42 23.69 -4.06
C PRO A 196 20.86 23.24 -3.90
N SER A 197 21.57 23.12 -5.03
CA SER A 197 22.92 22.57 -5.17
C SER A 197 22.86 21.05 -5.29
N GLU A 198 22.07 20.39 -4.44
CA GLU A 198 21.83 18.96 -4.57
C GLU A 198 20.60 18.75 -5.44
N THR A 199 20.79 18.18 -6.63
CA THR A 199 19.71 17.98 -7.57
C THR A 199 18.69 17.00 -6.98
N VAL A 200 17.50 17.50 -6.65
CA VAL A 200 16.41 16.68 -6.16
C VAL A 200 15.45 16.45 -7.32
N THR A 201 15.27 15.19 -7.70
CA THR A 201 14.49 14.83 -8.87
C THR A 201 13.35 13.90 -8.48
N CYS A 202 12.17 14.19 -9.05
CA CYS A 202 11.01 13.31 -8.80
C CYS A 202 11.13 12.14 -9.78
N ASN A 203 11.20 10.93 -9.23
CA ASN A 203 11.24 9.74 -10.12
C ASN A 203 9.90 9.01 -9.99
N VAL A 204 9.12 8.94 -11.08
CA VAL A 204 7.78 8.31 -11.03
C VAL A 204 7.56 7.43 -12.26
N ALA A 205 7.13 6.18 -12.05
CA ALA A 205 6.82 5.27 -13.18
C ALA A 205 5.36 4.81 -13.19
N HIS A 206 4.75 4.80 -14.37
CA HIS A 206 3.39 4.25 -14.53
C HIS A 206 3.53 2.97 -15.34
N PRO A 207 3.68 1.80 -14.71
CA PRO A 207 3.90 0.54 -15.45
C PRO A 207 2.81 0.24 -16.47
N ALA A 208 1.60 0.74 -16.29
CA ALA A 208 0.54 0.35 -17.26
C ALA A 208 0.66 1.10 -18.57
N SER A 209 0.94 2.40 -18.52
CA SER A 209 1.08 3.24 -19.75
C SER A 209 2.48 3.09 -20.34
N SER A 210 3.37 2.36 -19.65
CA SER A 210 4.78 2.27 -20.09
C SER A 210 5.25 3.71 -20.24
N THR A 211 5.08 4.48 -19.18
CA THR A 211 5.46 5.88 -19.21
C THR A 211 6.29 6.20 -17.98
N LYS A 212 7.52 6.67 -18.18
CA LYS A 212 8.42 7.06 -17.11
C LYS A 212 8.79 8.53 -17.30
N VAL A 213 8.68 9.31 -16.21
CA VAL A 213 8.92 10.73 -16.26
C VAL A 213 9.93 11.10 -15.18
N ASP A 214 10.85 12.03 -15.52
CA ASP A 214 11.77 12.61 -14.57
C ASP A 214 11.52 14.12 -14.53
N LYS A 215 11.39 14.66 -13.32
CA LYS A 215 11.11 16.09 -13.13
C LYS A 215 11.96 16.60 -11.99
N LYS A 216 12.90 17.49 -12.28
CA LYS A 216 13.74 18.09 -11.25
C LYS A 216 12.98 19.19 -10.53
N ILE A 217 13.14 19.23 -9.20
CA ILE A 217 12.54 20.28 -8.38
C ILE A 217 13.47 21.49 -8.42
N VAL A 218 13.00 22.58 -9.01
CA VAL A 218 13.82 23.77 -9.23
C VAL A 218 13.20 24.95 -8.49
N PRO A 219 14.01 25.87 -7.93
CA PRO A 219 13.45 27.06 -7.29
C PRO A 219 13.16 28.19 -8.29
N ASP B 1 -16.90 -24.25 4.60
CA ASP B 1 -15.49 -23.91 4.79
C ASP B 1 -15.23 -23.48 6.23
N ILE B 2 -13.95 -23.33 6.58
CA ILE B 2 -13.55 -22.97 7.94
C ILE B 2 -13.42 -21.46 8.02
N VAL B 3 -14.10 -20.86 9.00
CA VAL B 3 -14.07 -19.43 9.23
C VAL B 3 -13.09 -19.13 10.36
N MET B 4 -12.13 -18.24 10.09
CA MET B 4 -11.18 -17.79 11.09
C MET B 4 -11.55 -16.38 11.53
N THR B 5 -11.90 -16.24 12.81
CA THR B 5 -12.41 -15.00 13.35
C THR B 5 -11.31 -14.25 14.07
N GLN B 6 -10.92 -13.10 13.54
CA GLN B 6 -10.10 -12.13 14.25
C GLN B 6 -11.07 -11.05 14.74
N SER B 7 -11.50 -11.16 16.00
CA SER B 7 -12.57 -10.32 16.52
C SER B 7 -12.19 -8.85 16.56
N GLN B 8 -10.90 -8.53 16.62
CA GLN B 8 -10.42 -7.15 16.68
C GLN B 8 -9.83 -6.77 15.33
N LYS B 9 -10.33 -5.68 14.75
CA LYS B 9 -9.73 -5.13 13.54
C LYS B 9 -8.61 -4.14 13.85
N PHE B 10 -8.63 -3.52 15.03
CA PHE B 10 -7.60 -2.58 15.46
C PHE B 10 -7.19 -2.90 16.89
N MET B 11 -5.90 -2.75 17.17
CA MET B 11 -5.39 -2.89 18.53
C MET B 11 -4.36 -1.80 18.78
N SER B 12 -4.61 -0.98 19.80
CA SER B 12 -3.72 0.12 20.12
C SER B 12 -2.72 -0.30 21.20
N THR B 13 -1.50 0.24 21.09
CA THR B 13 -0.46 -0.07 22.05
C THR B 13 0.59 1.02 22.02
N SER B 14 1.43 1.02 23.06
CA SER B 14 2.58 1.91 23.15
C SER B 14 3.85 1.10 22.91
N VAL B 15 4.93 1.80 22.57
CA VAL B 15 6.19 1.14 22.31
C VAL B 15 6.68 0.43 23.56
N GLY B 16 6.98 -0.86 23.43
CA GLY B 16 7.51 -1.65 24.51
C GLY B 16 6.50 -2.52 25.23
N ASP B 17 5.21 -2.35 24.95
CA ASP B 17 4.18 -3.13 25.61
C ASP B 17 3.99 -4.47 24.88
N ARG B 18 3.07 -5.27 25.40
CA ARG B 18 2.75 -6.58 24.85
C ARG B 18 1.36 -6.55 24.23
N VAL B 19 1.21 -7.12 23.04
CA VAL B 19 -0.08 -7.23 22.37
C VAL B 19 -0.33 -8.69 22.03
N SER B 20 -1.61 -9.06 22.03
CA SER B 20 -2.04 -10.43 21.77
C SER B 20 -3.19 -10.41 20.78
N VAL B 21 -2.96 -10.95 19.59
CA VAL B 21 -3.98 -11.02 18.55
C VAL B 21 -4.63 -12.40 18.62
N THR B 22 -5.93 -12.44 18.89
CA THR B 22 -6.66 -13.70 18.98
C THR B 22 -7.17 -14.13 17.61
N CYS B 23 -7.27 -15.44 17.43
CA CYS B 23 -7.80 -16.01 16.19
C CYS B 23 -8.53 -17.29 16.55
N LYS B 24 -9.82 -17.35 16.21
CA LYS B 24 -10.69 -18.47 16.58
C LYS B 24 -11.19 -19.14 15.31
N ALA B 25 -10.93 -20.45 15.20
CA ALA B 25 -11.37 -21.22 14.05
C ALA B 25 -12.71 -21.89 14.33
N SER B 26 -13.57 -21.93 13.32
CA SER B 26 -14.88 -22.54 13.45
C SER B 26 -14.81 -24.07 13.47
N GLN B 27 -13.66 -24.66 13.18
CA GLN B 27 -13.48 -26.09 13.20
C GLN B 27 -12.11 -26.42 13.77
N ASN B 28 -11.97 -27.66 14.26
CA ASN B 28 -10.69 -28.11 14.77
C ASN B 28 -9.67 -28.18 13.64
N VAL B 29 -8.61 -27.37 13.73
CA VAL B 29 -7.55 -27.36 12.75
C VAL B 29 -6.22 -27.83 13.35
N GLY B 30 -6.26 -28.43 14.54
CA GLY B 30 -5.04 -28.90 15.17
C GLY B 30 -4.11 -27.74 15.48
N THR B 31 -2.88 -27.85 14.97
CA THR B 31 -1.90 -26.77 15.06
C THR B 31 -1.49 -26.26 13.68
N ASN B 32 -2.23 -26.62 12.63
CA ASN B 32 -1.90 -26.18 11.27
C ASN B 32 -2.41 -24.76 11.03
N VAL B 33 -1.88 -23.82 11.82
CA VAL B 33 -2.27 -22.42 11.76
C VAL B 33 -1.02 -21.59 11.54
N ALA B 34 -1.10 -20.62 10.64
CA ALA B 34 0.00 -19.73 10.32
C ALA B 34 -0.40 -18.29 10.61
N TRP B 35 0.60 -17.46 10.90
CA TRP B 35 0.43 -16.04 11.13
C TRP B 35 1.25 -15.26 10.11
N TYR B 36 0.69 -14.16 9.62
CA TYR B 36 1.34 -13.34 8.60
C TYR B 36 1.31 -11.87 9.00
N GLN B 37 2.32 -11.13 8.55
CA GLN B 37 2.45 -9.70 8.80
C GLN B 37 2.61 -8.99 7.47
N GLN B 38 1.78 -7.98 7.23
CA GLN B 38 1.85 -7.19 6.00
C GLN B 38 2.06 -5.72 6.37
N LYS B 39 3.31 -5.27 6.26
CA LYS B 39 3.61 -3.87 6.43
C LYS B 39 3.16 -3.08 5.20
N PRO B 40 2.90 -1.78 5.35
CA PRO B 40 2.35 -1.00 4.22
C PRO B 40 3.27 -1.04 3.00
N GLY B 41 2.64 -1.23 1.84
CA GLY B 41 3.36 -1.29 0.59
C GLY B 41 4.13 -2.58 0.34
N GLN B 42 4.02 -3.56 1.24
CA GLN B 42 4.79 -4.79 1.15
C GLN B 42 3.86 -5.98 0.96
N SER B 43 4.42 -7.05 0.40
CA SER B 43 3.71 -8.31 0.33
C SER B 43 3.63 -8.94 1.72
N PRO B 44 2.70 -9.86 1.93
CA PRO B 44 2.63 -10.55 3.23
C PRO B 44 3.91 -11.31 3.54
N LYS B 45 4.26 -11.34 4.83
CA LYS B 45 5.45 -12.03 5.31
C LYS B 45 5.03 -13.03 6.38
N ALA B 46 5.45 -14.28 6.23
CA ALA B 46 5.08 -15.33 7.17
C ALA B 46 5.93 -15.24 8.43
N LEU B 47 5.27 -15.21 9.57
CA LEU B 47 5.93 -15.15 10.87
C LEU B 47 5.92 -16.48 11.61
N ILE B 48 4.80 -17.19 11.59
CA ILE B 48 4.59 -18.37 12.41
C ILE B 48 3.98 -19.46 11.55
N TYR B 49 4.52 -20.68 11.63
CA TYR B 49 3.90 -21.87 11.08
C TYR B 49 3.73 -22.88 12.20
N SER B 50 2.81 -23.84 11.97
CA SER B 50 2.53 -24.91 12.93
C SER B 50 2.15 -24.33 14.29
N ALA B 51 1.43 -23.20 14.27
CA ALA B 51 0.84 -22.55 15.43
C ALA B 51 1.85 -21.84 16.32
N SER B 52 3.07 -22.37 16.42
CA SER B 52 4.03 -21.83 17.39
C SER B 52 5.48 -21.79 16.91
N TYR B 53 5.77 -22.21 15.68
CA TYR B 53 7.14 -22.26 15.19
C TYR B 53 7.40 -21.06 14.29
N ARG B 54 8.53 -20.39 14.53
CA ARG B 54 8.87 -19.17 13.81
C ARG B 54 9.62 -19.48 12.52
N TYR B 55 9.34 -18.71 11.48
CA TYR B 55 10.12 -18.78 10.26
C TYR B 55 11.51 -18.19 10.52
N SER B 56 12.43 -18.47 9.60
CA SER B 56 13.80 -18.02 9.74
C SER B 56 13.87 -16.49 9.82
N GLY B 57 14.69 -16.00 10.75
CA GLY B 57 14.84 -14.57 10.94
C GLY B 57 13.76 -13.91 11.78
N VAL B 58 12.65 -14.59 12.02
CA VAL B 58 11.57 -14.00 12.82
C VAL B 58 12.00 -13.94 14.29
N PRO B 59 11.90 -12.79 14.94
CA PRO B 59 12.42 -12.69 16.31
C PRO B 59 11.52 -13.40 17.31
N ASP B 60 12.12 -13.76 18.44
CA ASP B 60 11.38 -14.40 19.53
C ASP B 60 10.34 -13.46 20.14
N ARG B 61 10.36 -12.17 19.81
CA ARG B 61 9.31 -11.27 20.26
C ARG B 61 7.94 -11.69 19.72
N PHE B 62 7.92 -12.37 18.58
CA PHE B 62 6.68 -12.90 18.02
C PHE B 62 6.52 -14.34 18.50
N THR B 63 5.51 -14.59 19.32
CA THR B 63 5.23 -15.91 19.85
C THR B 63 3.85 -16.35 19.41
N GLY B 64 3.78 -17.53 18.80
CA GLY B 64 2.52 -18.15 18.43
C GLY B 64 2.13 -19.21 19.43
N SER B 65 0.82 -19.33 19.67
CA SER B 65 0.33 -20.28 20.65
C SER B 65 -1.09 -20.71 20.29
N GLY B 66 -1.51 -21.83 20.86
CA GLY B 66 -2.85 -22.34 20.71
C GLY B 66 -2.89 -23.65 19.94
N SER B 67 -4.04 -24.31 20.04
CA SER B 67 -4.29 -25.56 19.34
C SER B 67 -5.79 -25.81 19.35
N GLY B 68 -6.26 -26.52 18.32
CA GLY B 68 -7.68 -26.78 18.20
C GLY B 68 -8.43 -25.69 17.48
N THR B 69 -8.94 -24.71 18.23
CA THR B 69 -9.70 -23.62 17.63
C THR B 69 -9.18 -22.25 18.06
N ASP B 70 -8.60 -22.16 19.26
CA ASP B 70 -8.17 -20.89 19.83
C ASP B 70 -6.68 -20.70 19.55
N PHE B 71 -6.34 -19.58 18.93
CA PHE B 71 -4.96 -19.28 18.56
C PHE B 71 -4.66 -17.83 18.87
N THR B 72 -3.40 -17.56 19.22
CA THR B 72 -2.99 -16.25 19.69
C THR B 72 -1.59 -15.93 19.19
N LEU B 73 -1.42 -14.74 18.61
CA LEU B 73 -0.12 -14.21 18.25
C LEU B 73 0.24 -13.13 19.25
N THR B 74 1.33 -13.35 20.00
CA THR B 74 1.79 -12.42 21.02
C THR B 74 3.04 -11.73 20.54
N ILE B 75 3.03 -10.39 20.58
CA ILE B 75 4.19 -9.57 20.21
C ILE B 75 4.70 -8.92 21.48
N SER B 76 5.92 -9.26 21.88
CA SER B 76 6.57 -8.64 23.02
C SER B 76 7.41 -7.47 22.57
N ASN B 77 7.52 -6.46 23.44
CA ASN B 77 8.32 -5.26 23.19
C ASN B 77 8.01 -4.67 21.82
N VAL B 78 6.72 -4.34 21.63
CA VAL B 78 6.26 -3.90 20.31
C VAL B 78 6.96 -2.61 19.92
N GLN B 79 7.49 -2.57 18.71
CA GLN B 79 8.14 -1.40 18.16
C GLN B 79 7.25 -0.77 17.09
N SER B 80 7.43 0.53 16.87
CA SER B 80 6.72 1.20 15.79
C SER B 80 7.07 0.59 14.44
N GLU B 81 8.24 -0.06 14.33
CA GLU B 81 8.60 -0.76 13.10
C GLU B 81 7.73 -1.98 12.85
N ASP B 82 7.06 -2.51 13.87
CA ASP B 82 6.17 -3.65 13.71
C ASP B 82 4.81 -3.26 13.16
N LEU B 83 4.58 -1.97 12.90
CA LEU B 83 3.29 -1.50 12.39
C LEU B 83 2.91 -2.25 11.12
N ALA B 84 1.77 -2.95 11.18
CA ALA B 84 1.33 -3.76 10.04
C ALA B 84 -0.06 -4.31 10.36
N GLU B 85 -0.63 -4.99 9.36
CA GLU B 85 -1.83 -5.78 9.53
C GLU B 85 -1.43 -7.24 9.69
N PHE B 86 -2.03 -7.92 10.68
CA PHE B 86 -1.66 -9.29 11.02
C PHE B 86 -2.82 -10.23 10.69
N PHE B 87 -2.51 -11.28 9.94
CA PHE B 87 -3.50 -12.27 9.52
C PHE B 87 -3.13 -13.64 10.08
N CYS B 88 -4.10 -14.31 10.68
CA CYS B 88 -3.97 -15.73 10.94
C CYS B 88 -4.50 -16.52 9.75
N GLN B 89 -4.15 -17.79 9.70
CA GLN B 89 -4.56 -18.62 8.58
C GLN B 89 -4.51 -20.09 9.00
N GLN B 90 -5.50 -20.85 8.58
CA GLN B 90 -5.49 -22.30 8.74
C GLN B 90 -5.14 -22.96 7.42
N TYR B 91 -4.33 -24.01 7.49
CA TYR B 91 -4.01 -24.83 6.31
C TYR B 91 -4.23 -26.30 6.61
N ASN B 92 -5.10 -26.59 7.57
CA ASN B 92 -5.43 -27.98 7.91
C ASN B 92 -6.37 -28.61 6.89
N ASN B 93 -7.18 -27.80 6.21
CA ASN B 93 -8.23 -28.33 5.34
C ASN B 93 -8.44 -27.38 4.17
N PHE B 94 -8.65 -27.96 2.98
CA PHE B 94 -8.94 -27.13 1.82
C PHE B 94 -10.37 -26.62 1.88
N PRO B 95 -10.60 -25.34 1.51
CA PRO B 95 -9.53 -24.42 1.11
C PRO B 95 -8.89 -23.72 2.29
N TYR B 96 -7.63 -23.31 2.14
CA TYR B 96 -6.98 -22.50 3.16
C TYR B 96 -7.72 -21.17 3.30
N THR B 97 -7.95 -20.75 4.54
CA THR B 97 -8.71 -19.54 4.81
C THR B 97 -7.95 -18.66 5.78
N PHE B 98 -8.04 -17.35 5.56
CA PHE B 98 -7.40 -16.35 6.39
C PHE B 98 -8.39 -15.73 7.36
N GLY B 99 -7.87 -15.19 8.46
CA GLY B 99 -8.65 -14.31 9.30
C GLY B 99 -8.84 -12.96 8.66
N GLY B 100 -9.68 -12.14 9.29
CA GLY B 100 -10.02 -10.85 8.72
C GLY B 100 -8.91 -9.81 8.80
N GLY B 101 -7.91 -10.04 9.65
CA GLY B 101 -6.82 -9.10 9.78
C GLY B 101 -6.97 -8.16 10.95
N THR B 102 -5.85 -7.88 11.63
CA THR B 102 -5.82 -6.98 12.77
C THR B 102 -4.73 -5.94 12.54
N GLN B 103 -5.13 -4.67 12.49
CA GLN B 103 -4.19 -3.55 12.29
C GLN B 103 -3.65 -3.04 13.63
N LEU B 104 -2.33 -2.94 13.70
CA LEU B 104 -1.67 -2.40 14.90
C LEU B 104 -1.73 -0.87 14.86
N GLU B 105 -1.99 -0.26 16.01
CA GLU B 105 -2.06 1.21 16.15
C GLU B 105 -1.14 1.59 17.32
N MET B 106 -0.26 2.54 17.06
CA MET B 106 0.70 2.98 18.07
C MET B 106 0.22 4.26 18.75
N LYS B 107 0.20 4.28 20.06
CA LYS B 107 -0.09 5.51 20.82
C LYS B 107 1.25 6.22 21.06
N ARG B 108 1.27 7.55 21.01
CA ARG B 108 2.52 8.32 21.22
C ARG B 108 2.16 9.70 21.77
N ALA B 109 3.15 10.52 22.08
CA ALA B 109 2.89 11.88 22.52
C ALA B 109 2.33 12.71 21.37
N ASP B 110 1.44 13.63 21.72
CA ASP B 110 0.81 14.48 20.71
C ASP B 110 1.85 15.34 20.01
N ALA B 111 1.67 15.54 18.70
CA ALA B 111 2.61 16.29 17.89
C ALA B 111 1.84 17.17 16.90
N ALA B 112 2.36 18.39 16.68
CA ALA B 112 1.80 19.36 15.74
C ALA B 112 2.32 19.09 14.33
N PRO B 113 1.52 19.36 13.31
CA PRO B 113 1.95 19.08 11.94
C PRO B 113 2.91 20.12 11.40
N THR B 114 3.72 19.69 10.44
CA THR B 114 4.61 20.58 9.69
C THR B 114 3.91 20.92 8.38
N VAL B 115 3.39 22.14 8.29
CA VAL B 115 2.53 22.57 7.19
C VAL B 115 3.39 23.27 6.14
N SER B 116 3.21 22.87 4.88
CA SER B 116 3.90 23.49 3.75
C SER B 116 2.91 23.70 2.62
N ILE B 117 2.90 24.90 2.06
CA ILE B 117 2.02 25.24 0.95
C ILE B 117 2.86 25.38 -0.32
N PHE B 118 2.27 24.99 -1.45
CA PHE B 118 2.96 25.02 -2.73
C PHE B 118 2.05 25.65 -3.78
N PRO B 119 2.48 26.72 -4.44
CA PRO B 119 1.69 27.30 -5.54
C PRO B 119 1.60 26.33 -6.70
N PRO B 120 0.69 26.55 -7.64
CA PRO B 120 0.65 25.71 -8.84
C PRO B 120 1.95 25.79 -9.61
N SER B 121 2.37 24.65 -10.16
CA SER B 121 3.59 24.62 -10.94
C SER B 121 3.43 25.39 -12.24
N SER B 122 4.55 25.90 -12.75
CA SER B 122 4.53 26.57 -14.05
C SER B 122 4.05 25.65 -15.15
N GLU B 123 4.36 24.35 -15.04
CA GLU B 123 4.00 23.41 -16.10
C GLU B 123 2.50 23.16 -16.13
N GLN B 124 1.86 23.00 -14.96
CA GLN B 124 0.42 22.74 -14.93
C GLN B 124 -0.37 23.94 -15.44
N LEU B 125 0.11 25.16 -15.17
CA LEU B 125 -0.59 26.35 -15.65
C LEU B 125 -0.59 26.43 -17.18
N THR B 126 0.46 25.89 -17.78
CA THR B 126 0.51 25.85 -19.27
C THR B 126 -0.27 24.63 -19.73
N SER B 127 -1.36 24.27 -19.03
CA SER B 127 -2.25 23.17 -19.46
C SER B 127 -3.68 23.55 -19.10
N GLY B 128 -3.86 24.74 -18.51
CA GLY B 128 -5.22 25.22 -18.19
C GLY B 128 -5.63 24.84 -16.78
N GLY B 129 -4.83 24.03 -16.08
CA GLY B 129 -5.14 23.69 -14.71
C GLY B 129 -4.32 24.44 -13.69
N ALA B 130 -4.76 24.41 -12.44
CA ALA B 130 -4.06 25.11 -11.36
C ALA B 130 -4.42 24.43 -10.05
N SER B 131 -3.47 23.69 -9.47
CA SER B 131 -3.66 22.97 -8.22
C SER B 131 -2.76 23.57 -7.14
N VAL B 132 -3.32 23.81 -5.97
CA VAL B 132 -2.58 24.31 -4.82
C VAL B 132 -2.52 23.18 -3.80
N VAL B 133 -1.30 22.78 -3.42
CA VAL B 133 -1.06 21.61 -2.59
C VAL B 133 -0.59 22.07 -1.21
N CYS B 134 -1.17 21.49 -0.16
CA CYS B 134 -0.77 21.75 1.21
C CYS B 134 -0.45 20.43 1.88
N PHE B 135 0.76 20.32 2.43
CA PHE B 135 1.20 19.11 3.13
C PHE B 135 1.12 19.33 4.64
N LEU B 136 0.53 18.37 5.34
CA LEU B 136 0.44 18.38 6.80
C LEU B 136 1.14 17.11 7.28
N ASN B 137 2.42 17.23 7.63
CA ASN B 137 3.29 16.07 7.81
C ASN B 137 3.64 15.84 9.27
N ASN B 138 3.66 14.57 9.66
CA ASN B 138 4.23 14.10 10.93
C ASN B 138 3.52 14.73 12.13
N PHE B 139 2.22 14.45 12.24
CA PHE B 139 1.44 14.91 13.38
C PHE B 139 0.81 13.70 14.09
N TYR B 140 0.36 13.96 15.31
CA TYR B 140 -0.35 12.96 16.13
C TYR B 140 -1.20 13.68 17.16
N PRO B 141 -2.47 13.32 17.39
CA PRO B 141 -3.09 12.17 16.74
C PRO B 141 -3.61 12.40 15.31
N LYS B 142 -4.27 11.40 14.72
CA LYS B 142 -4.70 11.45 13.29
C LYS B 142 -5.78 12.50 13.02
N ASP B 143 -6.60 12.83 14.01
CA ASP B 143 -7.73 13.76 13.81
C ASP B 143 -7.20 15.17 13.53
N ILE B 144 -7.53 15.72 12.37
CA ILE B 144 -7.05 17.03 11.95
C ILE B 144 -8.03 17.60 10.94
N ASN B 145 -8.04 18.93 10.81
CA ASN B 145 -8.93 19.62 9.89
C ASN B 145 -8.14 20.65 9.10
N VAL B 146 -8.40 20.71 7.79
CA VAL B 146 -7.75 21.65 6.90
C VAL B 146 -8.80 22.59 6.32
N LYS B 147 -8.48 23.88 6.29
CA LYS B 147 -9.37 24.90 5.77
C LYS B 147 -8.63 25.72 4.72
N TRP B 148 -9.20 25.81 3.52
CA TRP B 148 -8.64 26.61 2.44
C TRP B 148 -9.34 27.96 2.37
N LYS B 149 -8.55 29.00 2.14
CA LYS B 149 -9.09 30.35 2.01
C LYS B 149 -8.44 31.04 0.82
N ILE B 150 -9.27 31.71 0.02
CA ILE B 150 -8.83 32.45 -1.15
C ILE B 150 -9.21 33.92 -0.94
N ASP B 151 -8.19 34.78 -0.84
CA ASP B 151 -8.38 36.19 -0.52
C ASP B 151 -9.23 36.37 0.73
N GLY B 152 -8.91 35.59 1.76
CA GLY B 152 -9.61 35.63 3.02
C GLY B 152 -10.97 34.95 3.03
N SER B 153 -11.44 34.45 1.90
CA SER B 153 -12.74 33.79 1.80
C SER B 153 -12.57 32.28 1.74
N GLU B 154 -13.29 31.57 2.59
CA GLU B 154 -13.16 30.12 2.67
C GLU B 154 -13.64 29.46 1.38
N ARG B 155 -12.91 28.43 0.95
CA ARG B 155 -13.25 27.66 -0.24
C ARG B 155 -13.33 26.19 0.16
N GLN B 156 -14.50 25.59 -0.09
CA GLN B 156 -14.72 24.18 0.25
C GLN B 156 -14.78 23.25 -0.94
N ASN B 157 -15.13 23.76 -2.13
CA ASN B 157 -15.25 22.92 -3.31
C ASN B 157 -13.90 22.73 -3.99
N GLY B 158 -13.74 21.57 -4.65
CA GLY B 158 -12.53 21.27 -5.36
C GLY B 158 -11.35 20.87 -4.50
N VAL B 159 -11.60 20.36 -3.30
CA VAL B 159 -10.55 20.01 -2.35
C VAL B 159 -10.41 18.49 -2.31
N LEU B 160 -9.18 18.00 -2.49
CA LEU B 160 -8.87 16.58 -2.46
C LEU B 160 -7.94 16.32 -1.29
N ASN B 161 -8.33 15.43 -0.39
CA ASN B 161 -7.57 15.11 0.80
C ASN B 161 -7.13 13.66 0.77
N SER B 162 -5.96 13.40 1.38
CA SER B 162 -5.39 12.06 1.40
C SER B 162 -4.57 11.90 2.68
N TRP B 163 -4.70 10.75 3.32
CA TRP B 163 -4.00 10.44 4.57
C TRP B 163 -3.11 9.22 4.36
N THR B 164 -1.92 9.27 4.95
CA THR B 164 -1.00 8.14 4.90
C THR B 164 -1.30 7.15 6.01
N ASP B 165 -0.70 5.97 5.92
CA ASP B 165 -0.69 5.04 7.04
C ASP B 165 0.14 5.63 8.18
N GLN B 166 -0.01 5.06 9.36
CA GLN B 166 0.81 5.47 10.49
C GLN B 166 2.28 5.18 10.19
N ASP B 167 3.11 6.21 10.36
CA ASP B 167 4.53 6.08 10.04
C ASP B 167 5.19 5.05 10.95
N SER B 168 5.85 4.07 10.34
CA SER B 168 6.48 3.01 11.12
C SER B 168 7.75 3.46 11.82
N LYS B 169 8.21 4.70 11.57
CA LYS B 169 9.42 5.20 12.22
C LYS B 169 9.13 6.04 13.45
N ASP B 170 8.14 6.95 13.39
CA ASP B 170 7.83 7.81 14.52
C ASP B 170 6.38 7.75 14.96
N SER B 171 5.58 6.85 14.37
CA SER B 171 4.18 6.64 14.77
C SER B 171 3.31 7.88 14.52
N THR B 172 3.70 8.72 13.57
CA THR B 172 2.93 9.90 13.23
C THR B 172 2.08 9.66 11.98
N TYR B 173 1.20 10.61 11.71
CA TYR B 173 0.35 10.59 10.52
C TYR B 173 0.67 11.81 9.66
N SER B 174 0.25 11.73 8.40
CA SER B 174 0.46 12.83 7.45
C SER B 174 -0.75 12.94 6.54
N MET B 175 -0.98 14.15 6.04
CA MET B 175 -2.14 14.46 5.22
C MET B 175 -1.78 15.51 4.17
N SER B 176 -2.22 15.29 2.94
CA SER B 176 -2.08 16.25 1.86
C SER B 176 -3.45 16.75 1.44
N SER B 177 -3.57 18.07 1.28
CA SER B 177 -4.81 18.71 0.83
C SER B 177 -4.52 19.49 -0.44
N THR B 178 -5.26 19.18 -1.50
CA THR B 178 -5.03 19.76 -2.82
C THR B 178 -6.28 20.52 -3.26
N LEU B 179 -6.13 21.83 -3.45
CA LEU B 179 -7.19 22.69 -3.97
C LEU B 179 -6.94 22.91 -5.46
N THR B 180 -7.90 22.52 -6.28
CA THR B 180 -7.77 22.55 -7.74
C THR B 180 -8.76 23.54 -8.32
N LEU B 181 -8.26 24.48 -9.11
CA LEU B 181 -9.09 25.45 -9.82
C LEU B 181 -8.65 25.48 -11.28
N THR B 182 -9.39 26.25 -12.08
CA THR B 182 -8.97 26.54 -13.43
C THR B 182 -7.90 27.63 -13.42
N LYS B 183 -7.15 27.71 -14.52
CA LYS B 183 -6.10 28.72 -14.61
C LYS B 183 -6.68 30.13 -14.53
N ASP B 184 -7.77 30.38 -15.25
CA ASP B 184 -8.39 31.70 -15.21
C ASP B 184 -8.84 32.06 -13.81
N GLU B 185 -9.43 31.10 -13.08
CA GLU B 185 -9.88 31.39 -11.72
C GLU B 185 -8.70 31.64 -10.79
N TYR B 186 -7.60 30.89 -10.98
CA TYR B 186 -6.45 31.05 -10.10
C TYR B 186 -5.81 32.43 -10.26
N GLU B 187 -5.76 32.94 -11.48
CA GLU B 187 -5.21 34.27 -11.72
C GLU B 187 -6.19 35.39 -11.37
N ARG B 188 -7.44 35.06 -11.05
CA ARG B 188 -8.40 36.06 -10.61
C ARG B 188 -8.20 36.48 -9.16
N HIS B 189 -7.36 35.73 -8.44
CA HIS B 189 -7.17 35.96 -6.99
C HIS B 189 -5.69 36.07 -6.61
N ASN B 190 -5.41 36.54 -5.40
CA ASN B 190 -4.00 36.72 -4.95
C ASN B 190 -3.69 35.85 -3.73
N SER B 191 -4.47 35.98 -2.66
CA SER B 191 -4.15 35.26 -1.40
C SER B 191 -4.68 33.82 -1.41
N TYR B 192 -3.78 32.86 -1.15
CA TYR B 192 -4.15 31.42 -1.07
C TYR B 192 -3.63 30.90 0.28
N THR B 193 -4.53 30.52 1.17
CA THR B 193 -4.16 30.16 2.53
C THR B 193 -4.62 28.74 2.85
N CYS B 194 -3.76 28.00 3.55
CA CYS B 194 -4.07 26.66 4.04
C CYS B 194 -3.94 26.66 5.56
N GLU B 195 -5.03 26.38 6.25
CA GLU B 195 -5.09 26.41 7.70
C GLU B 195 -5.31 25.00 8.24
N ALA B 196 -4.59 24.66 9.31
CA ALA B 196 -4.65 23.34 9.92
C ALA B 196 -5.06 23.48 11.37
N THR B 197 -6.14 22.81 11.75
CA THR B 197 -6.65 22.81 13.11
C THR B 197 -6.32 21.46 13.75
N HIS B 198 -5.63 21.50 14.88
CA HIS B 198 -5.17 20.28 15.55
C HIS B 198 -5.20 20.51 17.06
N LYS B 199 -5.39 19.42 17.80
CA LYS B 199 -5.50 19.51 19.26
C LYS B 199 -4.26 20.07 19.91
N THR B 200 -3.12 20.10 19.21
CA THR B 200 -1.88 20.61 19.78
C THR B 200 -1.85 22.12 19.88
N SER B 201 -2.84 22.82 19.31
CA SER B 201 -2.86 24.27 19.35
C SER B 201 -4.30 24.76 19.33
N THR B 202 -4.63 25.69 20.23
CA THR B 202 -5.97 26.27 20.23
C THR B 202 -6.20 27.10 18.98
N SER B 203 -5.15 27.70 18.42
CA SER B 203 -5.17 28.51 17.22
C SER B 203 -4.68 27.71 16.02
N PRO B 204 -5.21 27.97 14.83
CA PRO B 204 -4.79 27.22 13.64
C PRO B 204 -3.35 27.54 13.27
N ILE B 205 -2.77 26.65 12.46
CA ILE B 205 -1.44 26.84 11.88
C ILE B 205 -1.65 27.27 10.44
N VAL B 206 -1.13 28.45 10.09
CA VAL B 206 -1.45 29.13 8.84
C VAL B 206 -0.23 29.13 7.94
N LYS B 207 -0.43 28.77 6.67
CA LYS B 207 0.59 28.89 5.63
C LYS B 207 -0.08 29.46 4.39
N SER B 208 0.54 30.46 3.76
CA SER B 208 -0.09 31.13 2.64
C SER B 208 0.97 31.65 1.68
N PHE B 209 0.51 32.11 0.53
CA PHE B 209 1.36 32.72 -0.48
C PHE B 209 0.52 33.64 -1.35
N ASN B 210 1.19 34.62 -1.95
CA ASN B 210 0.58 35.53 -2.91
C ASN B 210 1.17 35.26 -4.29
N ARG B 211 0.30 35.09 -5.28
CA ARG B 211 0.75 34.82 -6.64
C ARG B 211 1.11 36.11 -7.36
C10 FD0 C . 4.30 -18.93 2.73
C13 FD0 C . 1.32 -21.98 4.95
C17 FD0 C . 4.03 -26.01 5.95
C21 FD0 C . 5.16 -27.67 8.36
C22 FD0 C . 3.89 -27.21 9.16
C24 FD0 C . 2.35 -29.28 8.76
C01 FD0 C . -0.29 -18.10 2.19
C02 FD0 C . -0.16 -19.38 1.34
C03 FD0 C . -0.03 -20.66 2.23
C06 FD0 C . 2.51 -20.46 2.24
C07 FD0 C . 3.03 -20.66 0.96
C08 FD0 C . 4.18 -19.99 0.57
C09 FD0 C . 4.82 -19.12 1.45
C11 FD0 C . 3.14 -19.59 3.12
C12 FD0 C . 1.34 -22.40 3.50
C14 FD0 C . 2.30 -22.72 5.84
C16 FD0 C . 3.13 -24.87 6.50
C19 FD0 C . 5.95 -26.55 7.62
C23 FD0 C . 3.16 -28.42 9.79
C43 FD0 C . 2.95 -24.33 4.12
C44 FD0 C . 2.49 -23.26 3.10
N05 FD0 C . 1.29 -21.16 2.65
N15 FD0 C . 2.35 -24.16 5.47
N18 FD0 C . 5.39 -25.80 6.48
N26 FD0 C . 2.68 -29.27 7.32
O04 FD0 C . -1.02 -21.23 2.58
O20 FD0 C . 7.05 -26.30 7.97
O25 FD0 C . 1.45 -29.96 9.15
#